data_1XK3
#
_entry.id   1XK3
#
_cell.length_a   61.215
_cell.length_b   54.483
_cell.length_c   70.885
_cell.angle_alpha   90.00
_cell.angle_beta   98.75
_cell.angle_gamma   90.00
#
_symmetry.space_group_name_H-M   'P 1 21 1'
#
loop_
_entity.id
_entity.type
_entity.pdbx_description
1 polymer 'Heme oxygenase 1'
2 non-polymer 'PROTOPORPHYRIN IX CONTAINING FE'
3 non-polymer 'NITRIC OXIDE'
4 water water
#
_entity_poly.entity_id   1
_entity_poly.type   'polypeptide(L)'
_entity_poly.pdbx_seq_one_letter_code
;MERPQPDSMPQDLSEALKEATKEVHTQAENAEFMRNFQKGQVTRDGFKLVMASLYHIYVALEEEIERNKESPVFAPVYFP
EELHRKAALEQDLAFWYGPRWQEVIPYTPAMQRYVKRLHEVGRTEPELLVAHAYTRYLGDLSGGQVLKKIAQKALDLPSS
GEGLAFFTFPNIASATKFKQLYESRMNSLEMTPAVRQRVIEEAKTAFLLNIQLFEELQELLTHDTKDQSPSRA
;
_entity_poly.pdbx_strand_id   A,B
#
loop_
_chem_comp.id
_chem_comp.type
_chem_comp.name
_chem_comp.formula
HEM non-polymer 'PROTOPORPHYRIN IX CONTAINING FE' 'C34 H32 Fe N4 O4'
NO non-polymer 'NITRIC OXIDE' 'N O'
#
# COMPACT_ATOMS: atom_id res chain seq x y z
N PRO A 10 15.59 -28.70 -17.05
CA PRO A 10 16.97 -28.17 -16.93
C PRO A 10 17.41 -28.22 -15.48
N GLN A 11 18.66 -27.85 -15.22
CA GLN A 11 19.18 -27.87 -13.86
C GLN A 11 18.70 -26.68 -13.03
N ASP A 12 18.65 -25.50 -13.63
CA ASP A 12 18.19 -24.32 -12.91
C ASP A 12 16.69 -24.41 -12.64
N LEU A 13 16.33 -24.38 -11.36
CA LEU A 13 14.94 -24.46 -10.95
C LEU A 13 14.04 -23.46 -11.68
N SER A 14 14.47 -22.20 -11.73
CA SER A 14 13.68 -21.18 -12.39
C SER A 14 13.41 -21.57 -13.84
N GLU A 15 14.45 -22.00 -14.53
CA GLU A 15 14.34 -22.41 -15.92
C GLU A 15 13.48 -23.67 -16.01
N ALA A 16 13.63 -24.53 -15.01
CA ALA A 16 12.88 -25.77 -14.95
C ALA A 16 11.38 -25.48 -14.77
N LEU A 17 11.07 -24.52 -13.91
CA LEU A 17 9.68 -24.15 -13.66
C LEU A 17 9.03 -23.63 -14.93
N LYS A 18 9.68 -22.65 -15.55
CA LYS A 18 9.18 -22.03 -16.77
C LYS A 18 8.84 -23.05 -17.85
N GLU A 19 9.73 -24.02 -18.06
CA GLU A 19 9.52 -25.04 -19.08
C GLU A 19 8.38 -25.99 -18.74
N ALA A 20 8.28 -26.38 -17.47
CA ALA A 20 7.24 -27.30 -17.02
C ALA A 20 5.85 -26.69 -17.05
N THR A 21 5.77 -25.39 -16.83
CA THR A 21 4.48 -24.70 -16.80
C THR A 21 4.09 -24.01 -18.10
N LYS A 22 4.77 -24.35 -19.18
CA LYS A 22 4.46 -23.74 -20.47
C LYS A 22 3.05 -24.11 -20.91
N GLU A 23 2.75 -25.41 -20.88
CA GLU A 23 1.43 -25.91 -21.28
C GLU A 23 0.31 -25.24 -20.50
N VAL A 24 0.40 -25.29 -19.17
CA VAL A 24 -0.63 -24.70 -18.32
C VAL A 24 -0.76 -23.19 -18.46
N HIS A 25 0.35 -22.49 -18.64
CA HIS A 25 0.30 -21.04 -18.79
C HIS A 25 -0.51 -20.69 -20.05
N THR A 26 -0.27 -21.43 -21.13
CA THR A 26 -0.99 -21.20 -22.37
C THR A 26 -2.46 -21.52 -22.14
N GLN A 27 -2.69 -22.51 -21.29
CA GLN A 27 -4.04 -22.94 -20.94
C GLN A 27 -4.71 -21.78 -20.21
N ALA A 28 -3.93 -21.08 -19.39
CA ALA A 28 -4.43 -19.94 -18.63
C ALA A 28 -4.76 -18.81 -19.60
N GLU A 29 -3.94 -18.63 -20.62
CA GLU A 29 -4.15 -17.60 -21.62
C GLU A 29 -5.38 -17.95 -22.46
N ASN A 30 -5.61 -19.25 -22.64
CA ASN A 30 -6.75 -19.70 -23.43
C ASN A 30 -8.08 -19.67 -22.69
N ALA A 31 -8.03 -19.53 -21.37
CA ALA A 31 -9.27 -19.48 -20.58
C ALA A 31 -10.18 -18.40 -21.16
N GLU A 32 -11.48 -18.70 -21.24
CA GLU A 32 -12.45 -17.77 -21.79
C GLU A 32 -12.32 -16.39 -21.15
N PHE A 33 -12.41 -16.33 -19.83
CA PHE A 33 -12.31 -15.06 -19.12
C PHE A 33 -11.07 -14.29 -19.53
N MET A 34 -9.93 -14.95 -19.57
CA MET A 34 -8.67 -14.30 -19.95
C MET A 34 -8.59 -13.98 -21.43
N ARG A 35 -9.25 -14.79 -22.26
CA ARG A 35 -9.26 -14.53 -23.70
C ARG A 35 -9.87 -13.16 -23.88
N ASN A 36 -11.10 -13.00 -23.39
CA ASN A 36 -11.81 -11.73 -23.48
C ASN A 36 -10.92 -10.60 -22.97
N PHE A 37 -10.29 -10.83 -21.82
CA PHE A 37 -9.43 -9.83 -21.22
C PHE A 37 -8.40 -9.32 -22.22
N GLN A 38 -7.72 -10.26 -22.88
CA GLN A 38 -6.71 -9.93 -23.88
C GLN A 38 -7.34 -9.23 -25.08
N LYS A 39 -8.52 -9.67 -25.49
CA LYS A 39 -9.22 -9.06 -26.61
C LYS A 39 -9.83 -7.73 -26.15
N GLY A 40 -9.23 -7.14 -25.13
CA GLY A 40 -9.70 -5.87 -24.59
C GLY A 40 -11.13 -5.92 -24.11
N GLN A 41 -11.72 -7.11 -24.14
CA GLN A 41 -13.09 -7.27 -23.68
C GLN A 41 -13.18 -7.67 -22.22
N VAL A 42 -13.33 -6.67 -21.36
CA VAL A 42 -13.46 -6.89 -19.92
C VAL A 42 -14.42 -5.82 -19.42
N THR A 43 -15.35 -6.21 -18.55
CA THR A 43 -16.31 -5.26 -18.01
C THR A 43 -15.93 -4.85 -16.59
N ARG A 44 -16.63 -3.85 -16.07
CA ARG A 44 -16.37 -3.37 -14.71
C ARG A 44 -16.69 -4.49 -13.73
N ASP A 45 -17.76 -5.23 -13.97
CA ASP A 45 -18.13 -6.31 -13.06
C ASP A 45 -17.09 -7.41 -13.13
N GLY A 46 -16.58 -7.67 -14.33
CA GLY A 46 -15.57 -8.70 -14.49
C GLY A 46 -14.27 -8.31 -13.79
N PHE A 47 -13.84 -7.07 -14.02
CA PHE A 47 -12.60 -6.60 -13.41
C PHE A 47 -12.69 -6.54 -11.89
N LYS A 48 -13.86 -6.15 -11.38
CA LYS A 48 -14.07 -6.09 -9.93
C LYS A 48 -13.87 -7.48 -9.34
N LEU A 49 -14.45 -8.49 -9.98
CA LEU A 49 -14.32 -9.87 -9.52
C LEU A 49 -12.88 -10.36 -9.50
N VAL A 50 -12.11 -10.00 -10.51
CA VAL A 50 -10.71 -10.43 -10.56
C VAL A 50 -9.88 -9.73 -9.48
N MET A 51 -10.18 -8.47 -9.20
CA MET A 51 -9.47 -7.72 -8.17
C MET A 51 -9.77 -8.30 -6.78
N ALA A 52 -11.03 -8.66 -6.53
CA ALA A 52 -11.43 -9.25 -5.26
C ALA A 52 -10.73 -10.59 -5.07
N SER A 53 -10.62 -11.35 -6.16
CA SER A 53 -9.94 -12.64 -6.11
C SER A 53 -8.49 -12.43 -5.68
N LEU A 54 -7.81 -11.51 -6.36
CA LEU A 54 -6.42 -11.19 -6.07
C LEU A 54 -6.22 -10.81 -4.61
N TYR A 55 -7.14 -10.00 -4.08
CA TYR A 55 -7.04 -9.60 -2.69
C TYR A 55 -7.00 -10.83 -1.79
N HIS A 56 -7.92 -11.77 -1.99
CA HIS A 56 -7.96 -12.99 -1.17
C HIS A 56 -6.75 -13.87 -1.34
N ILE A 57 -6.30 -14.02 -2.57
CA ILE A 57 -5.14 -14.84 -2.89
C ILE A 57 -3.88 -14.30 -2.23
N TYR A 58 -3.65 -13.00 -2.38
CA TYR A 58 -2.47 -12.38 -1.80
C TYR A 58 -2.52 -12.28 -0.29
N VAL A 59 -3.71 -12.18 0.28
CA VAL A 59 -3.80 -12.11 1.73
C VAL A 59 -3.28 -13.45 2.28
N ALA A 60 -3.74 -14.54 1.68
CA ALA A 60 -3.33 -15.87 2.10
C ALA A 60 -1.86 -16.15 1.83
N LEU A 61 -1.38 -15.79 0.65
CA LEU A 61 0.01 -16.01 0.28
C LEU A 61 0.98 -15.21 1.15
N GLU A 62 0.67 -13.95 1.41
CA GLU A 62 1.56 -13.13 2.19
C GLU A 62 1.47 -13.46 3.68
N GLU A 63 0.37 -14.08 4.08
CA GLU A 63 0.22 -14.50 5.46
C GLU A 63 1.20 -15.67 5.64
N GLU A 64 1.20 -16.58 4.68
CA GLU A 64 2.08 -17.74 4.75
C GLU A 64 3.55 -17.42 4.52
N ILE A 65 3.84 -16.37 3.76
CA ILE A 65 5.22 -16.00 3.53
C ILE A 65 5.81 -15.46 4.84
N GLU A 66 5.04 -14.65 5.56
CA GLU A 66 5.50 -14.11 6.83
C GLU A 66 5.72 -15.20 7.86
N ARG A 67 4.94 -16.28 7.77
CA ARG A 67 5.06 -17.40 8.70
C ARG A 67 6.35 -18.16 8.44
N ASN A 68 6.78 -18.20 7.18
CA ASN A 68 7.98 -18.95 6.81
C ASN A 68 9.14 -18.10 6.30
N LYS A 69 9.09 -16.80 6.56
CA LYS A 69 10.12 -15.87 6.11
C LYS A 69 11.54 -16.21 6.56
N GLU A 70 11.67 -16.84 7.72
CA GLU A 70 13.00 -17.19 8.25
C GLU A 70 13.42 -18.63 7.94
N SER A 71 12.54 -19.39 7.30
CA SER A 71 12.87 -20.76 6.96
C SER A 71 13.85 -20.78 5.80
N PRO A 72 14.84 -21.69 5.84
CA PRO A 72 15.82 -21.76 4.76
C PRO A 72 15.17 -22.24 3.47
N VAL A 73 13.92 -22.71 3.54
CA VAL A 73 13.22 -23.15 2.34
C VAL A 73 12.54 -21.99 1.59
N PHE A 74 12.51 -20.82 2.22
CA PHE A 74 11.90 -19.65 1.60
C PHE A 74 12.70 -18.35 1.76
N ALA A 75 13.38 -18.20 2.90
CA ALA A 75 14.18 -17.01 3.18
C ALA A 75 14.93 -16.41 1.99
N PRO A 76 15.56 -17.26 1.16
CA PRO A 76 16.29 -16.75 0.00
C PRO A 76 15.44 -15.97 -1.02
N VAL A 77 14.15 -16.25 -1.07
CA VAL A 77 13.30 -15.52 -2.01
C VAL A 77 12.34 -14.58 -1.28
N TYR A 78 12.72 -14.16 -0.09
CA TYR A 78 11.90 -13.24 0.69
C TYR A 78 12.22 -11.77 0.36
N PHE A 79 11.31 -11.14 -0.38
CA PHE A 79 11.44 -9.75 -0.78
C PHE A 79 10.14 -9.04 -0.46
N PRO A 80 9.85 -8.87 0.83
CA PRO A 80 8.62 -8.23 1.30
C PRO A 80 8.34 -6.82 0.79
N GLU A 81 9.33 -5.94 0.81
CA GLU A 81 9.11 -4.58 0.36
C GLU A 81 8.95 -4.45 -1.14
N GLU A 82 9.70 -5.24 -1.90
CA GLU A 82 9.62 -5.18 -3.35
C GLU A 82 8.35 -5.79 -3.91
N LEU A 83 7.82 -6.81 -3.25
CA LEU A 83 6.66 -7.53 -3.78
C LEU A 83 5.28 -7.51 -3.14
N HIS A 84 5.17 -7.13 -1.86
CA HIS A 84 3.85 -7.18 -1.25
C HIS A 84 2.78 -6.45 -2.06
N ARG A 85 1.62 -7.09 -2.18
CA ARG A 85 0.50 -6.57 -2.96
C ARG A 85 -0.77 -6.33 -2.14
N LYS A 86 -0.84 -6.91 -0.94
CA LYS A 86 -2.02 -6.76 -0.11
C LYS A 86 -2.46 -5.31 0.07
N ALA A 87 -1.55 -4.46 0.53
CA ALA A 87 -1.87 -3.05 0.74
C ALA A 87 -2.36 -2.40 -0.55
N ALA A 88 -1.74 -2.73 -1.68
CA ALA A 88 -2.15 -2.15 -2.95
C ALA A 88 -3.57 -2.56 -3.31
N LEU A 89 -3.92 -3.82 -3.06
CA LEU A 89 -5.26 -4.32 -3.35
C LEU A 89 -6.30 -3.72 -2.41
N GLU A 90 -5.89 -3.45 -1.17
CA GLU A 90 -6.80 -2.84 -0.22
C GLU A 90 -7.18 -1.47 -0.78
N GLN A 91 -6.16 -0.71 -1.19
CA GLN A 91 -6.40 0.61 -1.78
C GLN A 91 -7.33 0.48 -2.98
N ASP A 92 -7.01 -0.47 -3.86
CA ASP A 92 -7.81 -0.69 -5.06
C ASP A 92 -9.26 -1.07 -4.80
N LEU A 93 -9.49 -2.03 -3.92
CA LEU A 93 -10.84 -2.45 -3.64
C LEU A 93 -11.67 -1.34 -2.99
N ALA A 94 -11.00 -0.44 -2.25
CA ALA A 94 -11.73 0.65 -1.63
C ALA A 94 -12.29 1.54 -2.74
N PHE A 95 -11.65 1.50 -3.90
CA PHE A 95 -12.10 2.28 -5.03
C PHE A 95 -13.21 1.55 -5.78
N TRP A 96 -12.95 0.29 -6.14
CA TRP A 96 -13.92 -0.50 -6.89
C TRP A 96 -15.21 -0.84 -6.15
N TYR A 97 -15.10 -1.15 -4.86
CA TYR A 97 -16.27 -1.52 -4.07
C TYR A 97 -16.69 -0.48 -3.05
N GLY A 98 -15.94 0.60 -2.93
CA GLY A 98 -16.34 1.62 -1.96
C GLY A 98 -15.76 1.41 -0.56
N PRO A 99 -16.04 2.35 0.36
CA PRO A 99 -15.56 2.28 1.74
C PRO A 99 -15.97 1.06 2.55
N ARG A 100 -17.06 0.40 2.16
CA ARG A 100 -17.50 -0.78 2.90
C ARG A 100 -17.13 -2.05 2.14
N TRP A 101 -16.15 -1.95 1.27
CA TRP A 101 -15.69 -3.08 0.47
C TRP A 101 -15.47 -4.39 1.24
N GLN A 102 -14.93 -4.30 2.44
CA GLN A 102 -14.67 -5.51 3.23
C GLN A 102 -15.94 -6.27 3.51
N GLU A 103 -17.06 -5.54 3.59
CA GLU A 103 -18.36 -6.17 3.84
C GLU A 103 -19.03 -6.71 2.58
N VAL A 104 -18.75 -6.11 1.43
CA VAL A 104 -19.40 -6.54 0.19
C VAL A 104 -18.59 -7.35 -0.84
N ILE A 105 -17.26 -7.30 -0.79
CA ILE A 105 -16.50 -8.07 -1.78
C ILE A 105 -16.87 -9.54 -1.71
N PRO A 106 -17.01 -10.19 -2.87
CA PRO A 106 -17.34 -11.60 -2.91
C PRO A 106 -16.17 -12.49 -2.55
N TYR A 107 -16.47 -13.66 -2.00
CA TYR A 107 -15.47 -14.66 -1.63
C TYR A 107 -16.08 -15.96 -2.08
N THR A 108 -15.82 -16.28 -3.34
CA THR A 108 -16.37 -17.47 -3.97
C THR A 108 -15.64 -18.77 -3.67
N PRO A 109 -16.29 -19.91 -3.93
CA PRO A 109 -15.75 -21.26 -3.71
C PRO A 109 -14.42 -21.49 -4.45
N ALA A 110 -14.32 -20.98 -5.67
CA ALA A 110 -13.09 -21.12 -6.45
C ALA A 110 -11.96 -20.31 -5.79
N MET A 111 -12.31 -19.16 -5.22
CA MET A 111 -11.31 -18.34 -4.53
C MET A 111 -10.88 -19.09 -3.27
N GLN A 112 -11.87 -19.68 -2.58
CA GLN A 112 -11.62 -20.42 -1.36
C GLN A 112 -10.73 -21.63 -1.57
N ARG A 113 -10.85 -22.27 -2.73
CA ARG A 113 -10.05 -23.45 -3.04
C ARG A 113 -8.59 -23.05 -3.21
N TYR A 114 -8.38 -21.88 -3.81
CA TYR A 114 -7.04 -21.36 -4.05
C TYR A 114 -6.43 -20.96 -2.71
N VAL A 115 -7.19 -20.19 -1.92
CA VAL A 115 -6.75 -19.74 -0.61
C VAL A 115 -6.44 -20.91 0.29
N LYS A 116 -7.27 -21.95 0.20
CA LYS A 116 -7.09 -23.13 1.04
C LYS A 116 -5.80 -23.88 0.71
N ARG A 117 -5.46 -24.00 -0.57
CA ARG A 117 -4.23 -24.69 -0.95
C ARG A 117 -3.02 -23.89 -0.47
N LEU A 118 -3.13 -22.57 -0.55
CA LEU A 118 -2.07 -21.67 -0.11
C LEU A 118 -1.77 -21.85 1.38
N HIS A 119 -2.80 -21.97 2.19
CA HIS A 119 -2.59 -22.15 3.63
C HIS A 119 -2.02 -23.52 3.95
N GLU A 120 -2.51 -24.56 3.29
CA GLU A 120 -2.01 -25.92 3.51
C GLU A 120 -0.52 -25.94 3.21
N VAL A 121 -0.14 -25.43 2.04
CA VAL A 121 1.26 -25.38 1.67
C VAL A 121 2.08 -24.63 2.71
N GLY A 122 1.69 -23.39 2.97
CA GLY A 122 2.42 -22.58 3.94
C GLY A 122 2.43 -23.14 5.35
N ARG A 123 1.56 -24.09 5.64
CA ARG A 123 1.49 -24.68 6.98
C ARG A 123 2.06 -26.08 7.11
N THR A 124 1.93 -26.90 6.08
CA THR A 124 2.42 -28.27 6.15
C THR A 124 3.45 -28.64 5.07
N GLU A 125 3.54 -27.82 4.03
CA GLU A 125 4.49 -28.08 2.95
C GLU A 125 5.20 -26.80 2.56
N PRO A 126 5.81 -26.09 3.54
CA PRO A 126 6.54 -24.83 3.36
C PRO A 126 7.49 -24.81 2.17
N GLU A 127 8.23 -25.90 1.98
CA GLU A 127 9.18 -25.98 0.88
C GLU A 127 8.53 -25.80 -0.47
N LEU A 128 7.20 -25.80 -0.52
CA LEU A 128 6.50 -25.64 -1.79
C LEU A 128 5.98 -24.21 -1.98
N LEU A 129 6.08 -23.39 -0.94
CA LEU A 129 5.58 -22.01 -1.02
C LEU A 129 6.24 -21.23 -2.15
N VAL A 130 7.51 -21.51 -2.41
CA VAL A 130 8.24 -20.83 -3.47
C VAL A 130 7.54 -21.00 -4.81
N ALA A 131 6.82 -22.12 -4.98
CA ALA A 131 6.13 -22.37 -6.24
C ALA A 131 4.99 -21.36 -6.46
N HIS A 132 4.32 -21.00 -5.37
CA HIS A 132 3.22 -20.05 -5.43
C HIS A 132 3.72 -18.61 -5.50
N ALA A 133 4.75 -18.30 -4.72
CA ALA A 133 5.32 -16.96 -4.72
C ALA A 133 5.84 -16.67 -6.12
N TYR A 134 6.50 -17.65 -6.71
CA TYR A 134 7.05 -17.51 -8.05
C TYR A 134 5.94 -17.26 -9.06
N THR A 135 4.96 -18.16 -9.10
CA THR A 135 3.84 -18.07 -10.02
C THR A 135 3.07 -16.74 -9.94
N ARG A 136 2.72 -16.34 -8.72
CA ARG A 136 1.99 -15.09 -8.51
C ARG A 136 2.84 -13.85 -8.76
N TYR A 137 3.84 -13.63 -7.92
CA TYR A 137 4.71 -12.46 -8.04
C TYR A 137 5.38 -12.24 -9.38
N LEU A 138 6.20 -13.18 -9.82
CA LEU A 138 6.90 -13.04 -11.09
C LEU A 138 5.94 -12.98 -12.26
N GLY A 139 4.82 -13.69 -12.15
CA GLY A 139 3.84 -13.67 -13.22
C GLY A 139 3.17 -12.31 -13.33
N ASP A 140 2.70 -11.78 -12.20
CA ASP A 140 2.02 -10.49 -12.21
C ASP A 140 2.95 -9.33 -12.54
N LEU A 141 4.21 -9.44 -12.13
CA LEU A 141 5.20 -8.41 -12.39
C LEU A 141 5.56 -8.32 -13.88
N SER A 142 6.00 -9.42 -14.46
CA SER A 142 6.39 -9.44 -15.87
C SER A 142 5.22 -9.31 -16.83
N GLY A 143 4.01 -9.58 -16.35
CA GLY A 143 2.85 -9.47 -17.23
C GLY A 143 1.96 -8.28 -16.90
N GLY A 144 2.22 -7.64 -15.76
CA GLY A 144 1.40 -6.51 -15.34
C GLY A 144 1.14 -5.44 -16.38
N GLN A 145 2.20 -4.97 -17.02
CA GLN A 145 2.11 -3.93 -18.04
C GLN A 145 1.01 -4.19 -19.05
N VAL A 146 1.13 -5.29 -19.79
CA VAL A 146 0.14 -5.63 -20.82
C VAL A 146 -1.27 -5.79 -20.26
N LEU A 147 -1.37 -6.31 -19.04
CA LEU A 147 -2.67 -6.50 -18.41
C LEU A 147 -3.30 -5.19 -17.98
N LYS A 148 -2.49 -4.28 -17.46
CA LYS A 148 -2.99 -2.99 -17.01
C LYS A 148 -3.39 -2.15 -18.21
N LYS A 149 -2.49 -2.06 -19.19
CA LYS A 149 -2.73 -1.30 -20.40
C LYS A 149 -4.13 -1.60 -20.91
N ILE A 150 -4.41 -2.88 -21.08
CA ILE A 150 -5.71 -3.32 -21.56
C ILE A 150 -6.81 -2.81 -20.63
N ALA A 151 -6.69 -3.15 -19.35
CA ALA A 151 -7.68 -2.77 -18.35
C ALA A 151 -8.10 -1.29 -18.37
N GLN A 152 -7.13 -0.39 -18.27
CA GLN A 152 -7.43 1.04 -18.24
C GLN A 152 -8.08 1.61 -19.50
N LYS A 153 -7.71 1.09 -20.67
CA LYS A 153 -8.29 1.57 -21.91
C LYS A 153 -9.65 0.93 -22.12
N ALA A 154 -9.88 -0.20 -21.44
CA ALA A 154 -11.14 -0.93 -21.56
C ALA A 154 -12.13 -0.53 -20.48
N LEU A 155 -11.63 -0.10 -19.33
CA LEU A 155 -12.49 0.30 -18.21
C LEU A 155 -12.97 1.74 -18.28
N ASP A 156 -12.24 2.58 -19.00
CA ASP A 156 -12.61 3.99 -19.15
C ASP A 156 -13.01 4.59 -17.81
N LEU A 157 -12.08 4.56 -16.86
CA LEU A 157 -12.34 5.09 -15.53
C LEU A 157 -11.98 6.57 -15.44
N PRO A 158 -12.50 7.26 -14.41
CA PRO A 158 -12.22 8.68 -14.22
C PRO A 158 -10.78 8.96 -13.79
N SER A 159 -10.39 10.22 -13.83
CA SER A 159 -9.06 10.62 -13.41
C SER A 159 -9.10 10.65 -11.88
N SER A 160 -9.53 9.53 -11.31
CA SER A 160 -9.67 9.37 -9.87
C SER A 160 -8.33 9.26 -9.17
N GLY A 161 -7.31 8.80 -9.91
CA GLY A 161 -5.99 8.65 -9.33
C GLY A 161 -5.92 7.40 -8.48
N GLU A 162 -6.83 6.46 -8.71
CA GLU A 162 -6.80 5.23 -7.95
C GLU A 162 -7.58 4.10 -8.61
N GLY A 163 -7.39 2.90 -8.09
CA GLY A 163 -8.07 1.73 -8.64
C GLY A 163 -7.17 0.73 -9.33
N LEU A 164 -5.93 1.10 -9.62
CA LEU A 164 -5.01 0.17 -10.31
C LEU A 164 -3.62 0.08 -9.68
N ALA A 165 -3.51 0.44 -8.40
CA ALA A 165 -2.23 0.39 -7.71
C ALA A 165 -1.61 -1.01 -7.75
N PHE A 166 -2.45 -2.04 -7.85
CA PHE A 166 -1.98 -3.42 -7.90
C PHE A 166 -1.00 -3.66 -9.05
N PHE A 167 -1.21 -2.95 -10.15
CA PHE A 167 -0.34 -3.14 -11.31
C PHE A 167 0.99 -2.41 -11.28
N THR A 168 1.27 -1.73 -10.18
CA THR A 168 2.55 -1.02 -10.05
C THR A 168 3.29 -1.49 -8.79
N PHE A 169 4.52 -1.95 -8.98
CA PHE A 169 5.36 -2.37 -7.88
C PHE A 169 6.30 -1.19 -7.67
N PRO A 170 5.97 -0.30 -6.71
CA PRO A 170 6.77 0.90 -6.41
C PRO A 170 8.19 0.67 -5.88
N ASN A 171 8.39 -0.41 -5.15
CA ASN A 171 9.70 -0.68 -4.57
C ASN A 171 10.62 -1.48 -5.50
N ILE A 172 10.26 -1.51 -6.77
CA ILE A 172 11.06 -2.19 -7.78
C ILE A 172 11.32 -1.23 -8.94
N ALA A 173 12.55 -0.73 -9.04
CA ALA A 173 12.92 0.21 -10.11
C ALA A 173 12.99 -0.46 -11.49
N SER A 174 13.49 -1.70 -11.54
CA SER A 174 13.61 -2.44 -12.80
C SER A 174 13.01 -3.84 -12.73
N ALA A 175 11.89 -4.06 -13.42
CA ALA A 175 11.26 -5.37 -13.41
C ALA A 175 12.19 -6.48 -13.89
N THR A 176 12.78 -6.29 -15.07
CA THR A 176 13.67 -7.30 -15.62
C THR A 176 14.80 -7.58 -14.64
N LYS A 177 15.41 -6.52 -14.14
CA LYS A 177 16.50 -6.64 -13.19
C LYS A 177 16.10 -7.39 -11.91
N PHE A 178 14.94 -7.08 -11.36
CA PHE A 178 14.52 -7.77 -10.14
C PHE A 178 14.23 -9.23 -10.44
N LYS A 179 13.64 -9.48 -11.60
CA LYS A 179 13.29 -10.83 -12.01
C LYS A 179 14.50 -11.74 -12.09
N GLN A 180 15.61 -11.23 -12.59
CA GLN A 180 16.81 -12.05 -12.70
C GLN A 180 17.38 -12.28 -11.31
N LEU A 181 17.18 -11.30 -10.43
CA LEU A 181 17.67 -11.42 -9.06
C LEU A 181 16.86 -12.52 -8.38
N TYR A 182 15.54 -12.42 -8.50
CA TYR A 182 14.65 -13.38 -7.87
C TYR A 182 14.94 -14.78 -8.41
N GLU A 183 15.16 -14.88 -9.71
CA GLU A 183 15.45 -16.18 -10.31
C GLU A 183 16.75 -16.72 -9.73
N SER A 184 17.76 -15.87 -9.67
CA SER A 184 19.04 -16.27 -9.12
C SER A 184 18.85 -16.83 -7.71
N ARG A 185 18.04 -16.14 -6.91
CA ARG A 185 17.77 -16.58 -5.54
C ARG A 185 17.03 -17.92 -5.50
N MET A 186 16.16 -18.17 -6.47
CA MET A 186 15.42 -19.43 -6.52
C MET A 186 16.38 -20.58 -6.78
N ASN A 187 17.27 -20.37 -7.74
CA ASN A 187 18.23 -21.39 -8.11
C ASN A 187 19.28 -21.63 -7.02
N SER A 188 19.26 -20.79 -5.99
CA SER A 188 20.20 -20.94 -4.87
C SER A 188 19.58 -21.85 -3.82
N LEU A 189 18.28 -22.09 -3.94
CA LEU A 189 17.58 -22.94 -2.98
C LEU A 189 18.05 -24.39 -3.06
N GLU A 190 18.29 -24.98 -1.89
CA GLU A 190 18.73 -26.37 -1.79
C GLU A 190 17.52 -27.24 -1.52
N MET A 191 17.35 -28.29 -2.33
CA MET A 191 16.23 -29.20 -2.15
C MET A 191 16.49 -30.54 -2.82
N THR A 192 15.94 -31.60 -2.23
CA THR A 192 16.11 -32.94 -2.79
C THR A 192 15.43 -33.02 -4.15
N PRO A 193 15.88 -33.94 -5.00
CA PRO A 193 15.28 -34.07 -6.33
C PRO A 193 13.77 -34.25 -6.18
N ALA A 194 13.38 -34.99 -5.15
CA ALA A 194 11.98 -35.25 -4.87
C ALA A 194 11.23 -33.95 -4.61
N VAL A 195 11.77 -33.13 -3.70
CA VAL A 195 11.16 -31.85 -3.37
C VAL A 195 11.09 -30.99 -4.63
N ARG A 196 12.18 -30.95 -5.37
CA ARG A 196 12.23 -30.18 -6.59
C ARG A 196 11.08 -30.58 -7.50
N GLN A 197 10.81 -31.89 -7.57
CA GLN A 197 9.70 -32.35 -8.42
C GLN A 197 8.38 -31.81 -7.86
N ARG A 198 8.22 -31.87 -6.55
CA ARG A 198 6.98 -31.39 -5.95
C ARG A 198 6.78 -29.89 -6.10
N VAL A 199 7.87 -29.14 -6.15
CA VAL A 199 7.76 -27.69 -6.32
C VAL A 199 7.30 -27.41 -7.73
N ILE A 200 7.82 -28.16 -8.68
CA ILE A 200 7.45 -27.99 -10.08
C ILE A 200 5.99 -28.38 -10.25
N GLU A 201 5.59 -29.46 -9.59
CA GLU A 201 4.21 -29.92 -9.66
C GLU A 201 3.29 -28.87 -9.05
N GLU A 202 3.70 -28.34 -7.90
CA GLU A 202 2.92 -27.32 -7.20
C GLU A 202 2.72 -26.09 -8.07
N ALA A 203 3.71 -25.77 -8.90
CA ALA A 203 3.59 -24.62 -9.78
C ALA A 203 2.48 -24.90 -10.79
N LYS A 204 2.41 -26.12 -11.30
CA LYS A 204 1.37 -26.49 -12.25
C LYS A 204 0.04 -26.36 -11.55
N THR A 205 -0.01 -26.82 -10.30
CA THR A 205 -1.21 -26.75 -9.50
C THR A 205 -1.67 -25.30 -9.35
N ALA A 206 -0.72 -24.38 -9.22
CA ALA A 206 -1.04 -22.97 -9.09
C ALA A 206 -1.80 -22.50 -10.33
N PHE A 207 -1.29 -22.86 -11.50
CA PHE A 207 -1.95 -22.47 -12.74
C PHE A 207 -3.34 -23.08 -12.83
N LEU A 208 -3.50 -24.32 -12.39
CA LEU A 208 -4.80 -24.98 -12.42
C LEU A 208 -5.80 -24.27 -11.52
N LEU A 209 -5.32 -23.76 -10.39
CA LEU A 209 -6.18 -23.07 -9.45
C LEU A 209 -6.65 -21.75 -10.04
N ASN A 210 -5.80 -21.12 -10.82
CA ASN A 210 -6.15 -19.87 -11.48
C ASN A 210 -7.15 -20.15 -12.61
N ILE A 211 -6.91 -21.24 -13.33
CA ILE A 211 -7.80 -21.60 -14.44
C ILE A 211 -9.23 -21.90 -13.94
N GLN A 212 -9.35 -22.68 -12.88
CA GLN A 212 -10.68 -22.98 -12.37
C GLN A 212 -11.32 -21.71 -11.83
N LEU A 213 -10.50 -20.76 -11.38
CA LEU A 213 -11.01 -19.49 -10.89
C LEU A 213 -11.62 -18.72 -12.06
N PHE A 214 -10.86 -18.61 -13.16
CA PHE A 214 -11.34 -17.92 -14.34
C PHE A 214 -12.63 -18.54 -14.85
N GLU A 215 -12.69 -19.86 -14.88
CA GLU A 215 -13.89 -20.54 -15.34
C GLU A 215 -15.08 -20.17 -14.46
N GLU A 216 -14.85 -20.08 -13.15
CA GLU A 216 -15.91 -19.72 -12.23
C GLU A 216 -16.39 -18.28 -12.41
N LEU A 217 -15.44 -17.35 -12.52
CA LEU A 217 -15.80 -15.95 -12.68
C LEU A 217 -16.59 -15.71 -13.97
N GLN A 218 -16.20 -16.41 -15.03
CA GLN A 218 -16.88 -16.27 -16.30
C GLN A 218 -18.33 -16.73 -16.13
N GLU A 219 -18.50 -17.82 -15.38
CA GLU A 219 -19.82 -18.39 -15.11
C GLU A 219 -20.72 -17.41 -14.34
N LEU A 220 -20.14 -16.73 -13.36
CA LEU A 220 -20.91 -15.79 -12.53
C LEU A 220 -21.35 -14.55 -13.28
N LEU A 221 -20.58 -14.17 -14.30
CA LEU A 221 -20.88 -12.99 -15.09
C LEU A 221 -21.86 -13.20 -16.24
N THR A 222 -22.12 -14.44 -16.62
CA THR A 222 -23.01 -14.71 -17.74
C THR A 222 -24.35 -15.39 -17.38
N HIS A 223 -25.16 -14.71 -16.58
CA HIS A 223 -26.47 -15.24 -16.20
C HIS A 223 -27.61 -14.39 -16.76
N PRO B 10 -9.04 21.47 28.41
CA PRO B 10 -10.06 20.45 28.74
C PRO B 10 -9.43 19.33 29.54
N GLN B 11 -10.23 18.36 29.96
CA GLN B 11 -9.72 17.24 30.73
C GLN B 11 -9.17 16.12 29.85
N ASP B 12 -9.89 15.79 28.78
CA ASP B 12 -9.45 14.73 27.87
C ASP B 12 -8.33 15.20 26.97
N LEU B 13 -7.32 14.35 26.81
CA LEU B 13 -6.16 14.65 25.98
C LEU B 13 -6.53 15.09 24.58
N SER B 14 -7.47 14.39 23.95
CA SER B 14 -7.89 14.73 22.60
C SER B 14 -8.51 16.13 22.53
N GLU B 15 -9.25 16.50 23.57
CA GLU B 15 -9.87 17.82 23.61
C GLU B 15 -8.85 18.91 23.91
N ALA B 16 -7.84 18.59 24.72
CA ALA B 16 -6.80 19.56 25.05
C ALA B 16 -5.91 19.83 23.83
N LEU B 17 -5.65 18.78 23.05
CA LEU B 17 -4.81 18.91 21.87
C LEU B 17 -5.48 19.74 20.78
N LYS B 18 -6.78 19.53 20.59
CA LYS B 18 -7.52 20.28 19.58
C LYS B 18 -7.55 21.74 20.02
N GLU B 19 -7.88 21.95 21.29
CA GLU B 19 -7.95 23.27 21.89
C GLU B 19 -6.65 24.04 21.68
N ALA B 20 -5.55 23.46 22.14
CA ALA B 20 -4.22 24.08 22.06
C ALA B 20 -3.67 24.29 20.65
N THR B 21 -4.12 23.49 19.70
CA THR B 21 -3.62 23.63 18.33
C THR B 21 -4.50 24.50 17.44
N LYS B 22 -5.48 25.15 18.05
CA LYS B 22 -6.41 26.02 17.34
C LYS B 22 -5.75 27.09 16.48
N GLU B 23 -4.87 27.87 17.10
CA GLU B 23 -4.17 28.93 16.38
C GLU B 23 -3.22 28.41 15.30
N VAL B 24 -2.33 27.49 15.68
CA VAL B 24 -1.38 26.91 14.75
C VAL B 24 -2.04 26.22 13.56
N HIS B 25 -3.26 25.73 13.76
CA HIS B 25 -3.97 25.08 12.66
C HIS B 25 -4.45 26.16 11.71
N THR B 26 -4.87 27.28 12.28
CA THR B 26 -5.36 28.40 11.48
C THR B 26 -4.22 28.98 10.64
N GLN B 27 -3.01 29.01 11.21
CA GLN B 27 -1.85 29.52 10.51
C GLN B 27 -1.48 28.54 9.39
N ALA B 28 -1.65 27.24 9.67
CA ALA B 28 -1.35 26.21 8.68
C ALA B 28 -2.27 26.40 7.49
N GLU B 29 -3.54 26.67 7.77
CA GLU B 29 -4.53 26.88 6.73
C GLU B 29 -4.24 28.16 5.95
N ASN B 30 -3.76 29.18 6.65
CA ASN B 30 -3.46 30.45 6.02
C ASN B 30 -2.15 30.49 5.26
N ALA B 31 -1.27 29.52 5.50
CA ALA B 31 0.00 29.45 4.78
C ALA B 31 -0.34 29.57 3.31
N GLU B 32 0.30 30.51 2.63
CA GLU B 32 0.02 30.75 1.22
C GLU B 32 -0.04 29.49 0.34
N PHE B 33 0.86 28.54 0.58
CA PHE B 33 0.84 27.32 -0.22
C PHE B 33 -0.42 26.50 -0.01
N MET B 34 -0.73 26.21 1.25
CA MET B 34 -1.92 25.42 1.58
C MET B 34 -3.18 26.20 1.23
N ARG B 35 -3.07 27.52 1.26
CA ARG B 35 -4.17 28.42 0.96
C ARG B 35 -4.54 28.32 -0.52
N ASN B 36 -3.51 28.24 -1.37
CA ASN B 36 -3.71 28.14 -2.82
C ASN B 36 -4.10 26.72 -3.22
N PHE B 37 -3.62 25.75 -2.45
CA PHE B 37 -3.93 24.34 -2.70
C PHE B 37 -5.41 24.13 -2.40
N GLN B 38 -5.84 24.61 -1.24
CA GLN B 38 -7.22 24.48 -0.82
C GLN B 38 -8.12 25.33 -1.71
N LYS B 39 -7.56 26.40 -2.27
CA LYS B 39 -8.32 27.28 -3.15
C LYS B 39 -8.34 26.65 -4.55
N GLY B 40 -7.73 25.47 -4.65
CA GLY B 40 -7.69 24.74 -5.91
C GLY B 40 -6.66 25.14 -6.96
N GLN B 41 -5.61 25.87 -6.57
CA GLN B 41 -4.61 26.27 -7.55
C GLN B 41 -3.22 25.69 -7.28
N VAL B 42 -3.11 24.37 -7.38
CA VAL B 42 -1.83 23.69 -7.17
C VAL B 42 -1.37 23.06 -8.48
N THR B 43 -0.09 23.22 -8.79
CA THR B 43 0.47 22.66 -10.02
C THR B 43 0.97 21.25 -9.78
N ARG B 44 1.38 20.58 -10.86
CA ARG B 44 1.90 19.23 -10.73
C ARG B 44 3.23 19.25 -9.99
N ASP B 45 4.07 20.23 -10.31
CA ASP B 45 5.36 20.35 -9.63
C ASP B 45 5.16 20.63 -8.15
N GLY B 46 4.16 21.43 -7.83
CA GLY B 46 3.87 21.74 -6.44
C GLY B 46 3.29 20.55 -5.71
N PHE B 47 2.35 19.86 -6.34
CA PHE B 47 1.73 18.71 -5.71
C PHE B 47 2.79 17.62 -5.53
N LYS B 48 3.71 17.52 -6.49
CA LYS B 48 4.78 16.53 -6.40
C LYS B 48 5.64 16.77 -5.16
N LEU B 49 5.91 18.05 -4.88
CA LEU B 49 6.71 18.41 -3.70
C LEU B 49 5.99 18.02 -2.42
N VAL B 50 4.68 18.27 -2.39
CA VAL B 50 3.83 17.93 -1.26
C VAL B 50 3.89 16.44 -1.00
N MET B 51 3.70 15.66 -2.04
CA MET B 51 3.70 14.22 -1.94
C MET B 51 5.06 13.69 -1.50
N ALA B 52 6.13 14.30 -2.00
CA ALA B 52 7.48 13.89 -1.63
C ALA B 52 7.68 14.16 -0.14
N SER B 53 7.16 15.30 0.32
CA SER B 53 7.27 15.69 1.72
C SER B 53 6.57 14.69 2.63
N LEU B 54 5.35 14.32 2.28
CA LEU B 54 4.60 13.35 3.07
C LEU B 54 5.33 12.02 3.13
N TYR B 55 5.94 11.61 2.01
CA TYR B 55 6.66 10.33 2.01
C TYR B 55 7.72 10.32 3.12
N HIS B 56 8.62 11.29 3.10
CA HIS B 56 9.67 11.37 4.12
C HIS B 56 9.12 11.42 5.53
N ILE B 57 8.13 12.28 5.74
CA ILE B 57 7.51 12.45 7.03
C ILE B 57 6.91 11.13 7.55
N TYR B 58 6.17 10.44 6.70
CA TYR B 58 5.55 9.20 7.12
C TYR B 58 6.56 8.07 7.30
N VAL B 59 7.65 8.09 6.53
CA VAL B 59 8.65 7.05 6.67
C VAL B 59 9.23 7.14 8.09
N ALA B 60 9.59 8.36 8.49
CA ALA B 60 10.16 8.61 9.80
C ALA B 60 9.16 8.36 10.91
N LEU B 61 7.94 8.87 10.75
CA LEU B 61 6.91 8.71 11.75
C LEU B 61 6.56 7.24 11.96
N GLU B 62 6.39 6.52 10.86
CA GLU B 62 6.02 5.12 10.97
C GLU B 62 7.18 4.24 11.38
N GLU B 63 8.40 4.70 11.13
CA GLU B 63 9.56 3.93 11.54
C GLU B 63 9.62 4.04 13.06
N GLU B 64 9.40 5.25 13.58
CA GLU B 64 9.44 5.46 15.03
C GLU B 64 8.27 4.77 15.75
N ILE B 65 7.12 4.68 15.08
CA ILE B 65 5.96 4.03 15.66
C ILE B 65 6.22 2.54 15.83
N GLU B 66 6.86 1.93 14.83
CA GLU B 66 7.18 0.51 14.89
C GLU B 66 8.19 0.23 16.01
N ARG B 67 9.07 1.19 16.25
CA ARG B 67 10.09 1.08 17.30
C ARG B 67 9.44 1.05 18.68
N ASN B 68 8.47 1.93 18.90
CA ASN B 68 7.82 2.02 20.20
C ASN B 68 6.40 1.48 20.31
N LYS B 69 5.98 0.62 19.37
CA LYS B 69 4.62 0.09 19.42
C LYS B 69 4.28 -0.75 20.65
N GLU B 70 5.30 -1.26 21.33
CA GLU B 70 5.11 -2.10 22.52
C GLU B 70 4.99 -1.27 23.81
N SER B 71 5.69 -0.15 23.87
CA SER B 71 5.66 0.69 25.06
C SER B 71 4.24 1.12 25.37
N PRO B 72 3.92 1.31 26.66
CA PRO B 72 2.58 1.73 27.05
C PRO B 72 2.30 3.18 26.68
N VAL B 73 3.33 3.93 26.32
CA VAL B 73 3.13 5.33 25.95
C VAL B 73 2.52 5.43 24.54
N PHE B 74 2.58 4.35 23.78
CA PHE B 74 2.01 4.37 22.44
C PHE B 74 1.10 3.19 22.06
N ALA B 75 1.37 2.00 22.61
CA ALA B 75 0.56 0.82 22.33
C ALA B 75 -0.95 1.09 22.22
N PRO B 76 -1.53 1.84 23.17
CA PRO B 76 -2.97 2.12 23.12
C PRO B 76 -3.45 2.76 21.82
N VAL B 77 -2.58 3.52 21.16
CA VAL B 77 -3.01 4.16 19.90
C VAL B 77 -2.36 3.54 18.67
N TYR B 78 -1.89 2.31 18.80
CA TYR B 78 -1.26 1.60 17.69
C TYR B 78 -2.32 0.95 16.78
N PHE B 79 -2.49 1.50 15.59
CA PHE B 79 -3.45 0.99 14.60
C PHE B 79 -2.74 0.94 13.24
N PRO B 80 -1.78 0.03 13.11
CA PRO B 80 -1.01 -0.10 11.87
C PRO B 80 -1.83 -0.29 10.61
N GLU B 81 -2.67 -1.33 10.57
CA GLU B 81 -3.47 -1.59 9.39
C GLU B 81 -4.41 -0.47 8.99
N GLU B 82 -5.02 0.19 9.96
CA GLU B 82 -5.97 1.26 9.66
C GLU B 82 -5.32 2.54 9.16
N LEU B 83 -4.13 2.85 9.67
CA LEU B 83 -3.48 4.11 9.34
C LEU B 83 -2.18 4.19 8.53
N HIS B 84 -1.39 3.12 8.50
CA HIS B 84 -0.11 3.19 7.79
C HIS B 84 -0.25 3.83 6.40
N ARG B 85 0.63 4.80 6.11
CA ARG B 85 0.59 5.54 4.83
C ARG B 85 1.79 5.33 3.91
N LYS B 86 2.90 4.84 4.44
CA LYS B 86 4.10 4.64 3.63
C LYS B 86 3.85 3.94 2.30
N ALA B 87 3.23 2.77 2.35
CA ALA B 87 2.94 1.99 1.15
C ALA B 87 2.14 2.75 0.10
N ALA B 88 1.10 3.45 0.54
CA ALA B 88 0.28 4.20 -0.39
C ALA B 88 1.10 5.32 -1.02
N LEU B 89 1.98 5.93 -0.24
CA LEU B 89 2.82 7.02 -0.75
C LEU B 89 3.89 6.51 -1.72
N GLU B 90 4.36 5.29 -1.51
CA GLU B 90 5.36 4.70 -2.41
C GLU B 90 4.67 4.47 -3.76
N GLN B 91 3.41 4.02 -3.70
CA GLN B 91 2.63 3.78 -4.91
C GLN B 91 2.48 5.07 -5.70
N ASP B 92 2.10 6.16 -5.01
CA ASP B 92 1.89 7.44 -5.68
C ASP B 92 3.17 8.07 -6.22
N LEU B 93 4.26 7.93 -5.49
CA LEU B 93 5.51 8.51 -5.95
C LEU B 93 6.01 7.78 -7.20
N ALA B 94 5.69 6.50 -7.31
CA ALA B 94 6.11 5.73 -8.47
C ALA B 94 5.40 6.32 -9.68
N PHE B 95 4.18 6.79 -9.48
CA PHE B 95 3.40 7.39 -10.55
C PHE B 95 3.89 8.78 -10.89
N TRP B 96 4.05 9.62 -9.86
CA TRP B 96 4.50 10.99 -10.07
C TRP B 96 5.94 11.18 -10.50
N TYR B 97 6.84 10.30 -10.04
CA TYR B 97 8.25 10.42 -10.39
C TYR B 97 8.79 9.28 -11.27
N GLY B 98 8.02 8.22 -11.43
CA GLY B 98 8.48 7.11 -12.24
C GLY B 98 9.13 6.02 -11.42
N PRO B 99 9.52 4.91 -12.06
CA PRO B 99 10.15 3.75 -11.41
C PRO B 99 11.37 4.01 -10.52
N ARG B 100 12.09 5.09 -10.77
CA ARG B 100 13.26 5.39 -9.96
C ARG B 100 13.03 6.59 -9.04
N TRP B 101 11.77 6.78 -8.68
CA TRP B 101 11.33 7.88 -7.81
C TRP B 101 12.17 8.05 -6.54
N GLN B 102 12.47 6.94 -5.87
CA GLN B 102 13.22 7.02 -4.63
C GLN B 102 14.60 7.65 -4.83
N GLU B 103 15.14 7.56 -6.04
CA GLU B 103 16.45 8.14 -6.32
C GLU B 103 16.37 9.61 -6.72
N VAL B 104 15.22 10.04 -7.19
CA VAL B 104 15.09 11.42 -7.64
C VAL B 104 14.19 12.35 -6.86
N ILE B 105 13.34 11.82 -5.99
CA ILE B 105 12.48 12.73 -5.22
C ILE B 105 13.38 13.64 -4.42
N PRO B 106 12.94 14.88 -4.20
CA PRO B 106 13.73 15.85 -3.44
C PRO B 106 13.64 15.59 -1.92
N TYR B 107 14.65 16.08 -1.21
CA TYR B 107 14.73 15.97 0.25
C TYR B 107 15.31 17.32 0.68
N THR B 108 14.42 18.25 0.99
CA THR B 108 14.78 19.61 1.37
C THR B 108 14.93 19.84 2.87
N PRO B 109 15.61 20.94 3.25
CA PRO B 109 15.78 21.22 4.67
C PRO B 109 14.52 21.29 5.54
N ALA B 110 13.40 21.78 5.00
CA ALA B 110 12.16 21.82 5.78
C ALA B 110 11.69 20.38 5.99
N MET B 111 11.85 19.56 4.97
CA MET B 111 11.45 18.17 5.08
C MET B 111 12.33 17.51 6.15
N GLN B 112 13.64 17.80 6.07
CA GLN B 112 14.62 17.23 6.99
C GLN B 112 14.40 17.66 8.43
N ARG B 113 14.05 18.93 8.64
CA ARG B 113 13.81 19.42 9.98
C ARG B 113 12.67 18.63 10.62
N TYR B 114 11.66 18.31 9.81
CA TYR B 114 10.49 17.56 10.27
C TYR B 114 10.91 16.13 10.62
N VAL B 115 11.65 15.49 9.71
CA VAL B 115 12.13 14.13 9.87
C VAL B 115 13.01 13.98 11.11
N LYS B 116 13.89 14.96 11.32
CA LYS B 116 14.80 14.97 12.46
C LYS B 116 14.05 14.92 13.78
N ARG B 117 13.07 15.81 13.94
CA ARG B 117 12.29 15.86 15.17
C ARG B 117 11.53 14.56 15.44
N LEU B 118 11.04 13.92 14.37
CA LEU B 118 10.30 12.66 14.52
C LEU B 118 11.21 11.58 15.15
N HIS B 119 12.42 11.44 14.62
CA HIS B 119 13.36 10.45 15.15
C HIS B 119 13.80 10.84 16.57
N GLU B 120 13.96 12.13 16.82
CA GLU B 120 14.36 12.63 18.14
C GLU B 120 13.32 12.20 19.17
N VAL B 121 12.06 12.47 18.85
CA VAL B 121 10.95 12.12 19.72
C VAL B 121 10.88 10.61 19.88
N GLY B 122 10.97 9.89 18.77
CA GLY B 122 10.88 8.44 18.84
C GLY B 122 12.04 7.78 19.55
N ARG B 123 13.22 8.40 19.51
CA ARG B 123 14.39 7.82 20.14
C ARG B 123 14.70 8.31 21.56
N THR B 124 14.26 9.51 21.91
CA THR B 124 14.56 10.04 23.24
C THR B 124 13.35 10.38 24.10
N GLU B 125 12.23 10.67 23.47
CA GLU B 125 11.02 10.98 24.24
C GLU B 125 9.76 10.50 23.52
N PRO B 126 9.70 9.18 23.22
CA PRO B 126 8.59 8.52 22.53
C PRO B 126 7.23 8.78 23.16
N GLU B 127 7.24 9.24 24.41
CA GLU B 127 5.99 9.51 25.10
C GLU B 127 5.26 10.67 24.40
N LEU B 128 5.96 11.38 23.52
CA LEU B 128 5.35 12.50 22.79
C LEU B 128 4.96 12.11 21.35
N LEU B 129 5.30 10.90 20.94
CA LEU B 129 4.99 10.45 19.58
C LEU B 129 3.48 10.56 19.27
N VAL B 130 2.66 10.28 20.27
CA VAL B 130 1.21 10.36 20.11
C VAL B 130 0.80 11.74 19.57
N ALA B 131 1.58 12.76 19.91
CA ALA B 131 1.32 14.13 19.46
C ALA B 131 1.43 14.24 17.94
N HIS B 132 2.43 13.56 17.39
CA HIS B 132 2.66 13.57 15.95
C HIS B 132 1.72 12.62 15.20
N ALA B 133 1.43 11.46 15.79
CA ALA B 133 0.52 10.50 15.18
C ALA B 133 -0.87 11.14 15.02
N TYR B 134 -1.31 11.81 16.09
CA TYR B 134 -2.60 12.48 16.12
C TYR B 134 -2.67 13.56 15.04
N THR B 135 -1.75 14.51 15.11
CA THR B 135 -1.72 15.61 14.15
C THR B 135 -1.72 15.12 12.70
N ARG B 136 -0.79 14.25 12.37
CA ARG B 136 -0.69 13.71 11.01
C ARG B 136 -1.88 12.85 10.59
N TYR B 137 -2.02 11.68 11.22
CA TYR B 137 -3.10 10.76 10.88
C TYR B 137 -4.53 11.35 10.89
N LEU B 138 -5.01 11.80 12.03
CA LEU B 138 -6.36 12.32 12.08
C LEU B 138 -6.54 13.59 11.26
N GLY B 139 -5.45 14.34 11.10
CA GLY B 139 -5.51 15.54 10.30
C GLY B 139 -5.69 15.18 8.83
N ASP B 140 -4.84 14.27 8.34
CA ASP B 140 -4.92 13.85 6.96
C ASP B 140 -6.19 13.08 6.67
N LEU B 141 -6.67 12.32 7.65
CA LEU B 141 -7.89 11.55 7.48
C LEU B 141 -9.09 12.48 7.35
N SER B 142 -9.15 13.49 8.21
CA SER B 142 -10.25 14.46 8.19
C SER B 142 -10.37 15.28 6.91
N GLY B 143 -9.26 15.89 6.49
CA GLY B 143 -9.29 16.71 5.30
C GLY B 143 -8.99 15.97 4.02
N GLY B 144 -8.59 14.71 4.15
CA GLY B 144 -8.24 13.89 3.00
C GLY B 144 -9.19 13.87 1.81
N GLN B 145 -10.43 13.48 2.03
CA GLN B 145 -11.41 13.40 0.95
C GLN B 145 -11.57 14.72 0.19
N VAL B 146 -11.54 15.83 0.92
CA VAL B 146 -11.68 17.13 0.30
C VAL B 146 -10.47 17.48 -0.58
N LEU B 147 -9.28 17.43 0.02
CA LEU B 147 -8.06 17.73 -0.72
C LEU B 147 -7.96 16.84 -1.97
N LYS B 148 -8.48 15.63 -1.86
CA LYS B 148 -8.46 14.69 -2.97
C LYS B 148 -9.29 15.21 -4.15
N LYS B 149 -10.53 15.59 -3.86
CA LYS B 149 -11.42 16.12 -4.89
C LYS B 149 -10.79 17.35 -5.56
N ILE B 150 -10.16 18.20 -4.76
CA ILE B 150 -9.50 19.40 -5.27
C ILE B 150 -8.39 18.99 -6.23
N ALA B 151 -7.54 18.08 -5.77
CA ALA B 151 -6.42 17.59 -6.58
C ALA B 151 -6.89 17.06 -7.93
N GLN B 152 -7.97 16.27 -7.91
CA GLN B 152 -8.52 15.69 -9.14
C GLN B 152 -8.86 16.75 -10.17
N LYS B 153 -9.47 17.84 -9.71
CA LYS B 153 -9.87 18.92 -10.60
C LYS B 153 -8.68 19.70 -11.15
N ALA B 154 -7.74 20.04 -10.28
CA ALA B 154 -6.57 20.82 -10.67
C ALA B 154 -5.48 20.07 -11.44
N LEU B 155 -5.32 18.78 -11.17
CA LEU B 155 -4.26 18.01 -11.84
C LEU B 155 -4.58 17.40 -13.21
N ASP B 156 -5.86 17.15 -13.51
CA ASP B 156 -6.23 16.57 -14.79
C ASP B 156 -5.36 15.34 -15.07
N LEU B 157 -5.42 14.37 -14.16
CA LEU B 157 -4.62 13.15 -14.28
C LEU B 157 -5.04 12.21 -15.39
N PRO B 158 -4.10 11.38 -15.86
CA PRO B 158 -4.49 10.44 -16.91
C PRO B 158 -5.34 9.38 -16.22
N SER B 159 -6.23 8.73 -16.95
CA SER B 159 -7.09 7.71 -16.36
C SER B 159 -6.32 6.40 -16.18
N SER B 160 -5.20 6.45 -15.48
CA SER B 160 -4.40 5.25 -15.27
C SER B 160 -4.53 4.66 -13.87
N GLY B 161 -5.55 5.11 -13.14
CA GLY B 161 -5.83 4.60 -11.82
C GLY B 161 -4.77 4.69 -10.73
N GLU B 162 -3.95 5.74 -10.72
CA GLU B 162 -2.93 5.88 -9.69
C GLU B 162 -2.45 7.30 -9.47
N GLY B 163 -1.78 7.51 -8.34
CA GLY B 163 -1.27 8.83 -8.00
C GLY B 163 -1.92 9.50 -6.79
N LEU B 164 -3.02 8.96 -6.28
CA LEU B 164 -3.69 9.56 -5.13
C LEU B 164 -4.13 8.55 -4.07
N ALA B 165 -3.45 7.41 -4.01
CA ALA B 165 -3.80 6.41 -3.03
C ALA B 165 -3.68 6.99 -1.62
N PHE B 166 -2.77 7.96 -1.45
CA PHE B 166 -2.57 8.58 -0.15
C PHE B 166 -3.85 9.13 0.46
N PHE B 167 -4.72 9.67 -0.39
CA PHE B 167 -5.97 10.26 0.07
C PHE B 167 -7.11 9.29 0.43
N THR B 168 -6.80 7.99 0.42
CA THR B 168 -7.78 6.98 0.80
C THR B 168 -7.23 5.99 1.83
N PHE B 169 -7.90 5.88 2.99
CA PHE B 169 -7.50 4.93 4.03
C PHE B 169 -8.47 3.79 3.84
N PRO B 170 -8.11 2.80 3.02
CA PRO B 170 -8.96 1.64 2.74
C PRO B 170 -9.36 0.75 3.90
N ASN B 171 -8.55 0.70 4.95
CA ASN B 171 -8.85 -0.16 6.09
C ASN B 171 -9.67 0.55 7.16
N ILE B 172 -10.32 1.64 6.77
CA ILE B 172 -11.17 2.41 7.67
C ILE B 172 -12.49 2.65 6.93
N ALA B 173 -13.55 2.00 7.38
CA ALA B 173 -14.86 2.14 6.75
C ALA B 173 -15.45 3.53 6.97
N SER B 174 -15.36 4.00 8.20
CA SER B 174 -15.90 5.33 8.54
C SER B 174 -14.87 6.14 9.27
N ALA B 175 -14.53 7.30 8.72
CA ALA B 175 -13.55 8.18 9.32
C ALA B 175 -14.04 8.69 10.67
N THR B 176 -15.35 8.94 10.77
CA THR B 176 -15.96 9.41 12.00
C THR B 176 -15.90 8.36 13.09
N LYS B 177 -16.28 7.13 12.76
CA LYS B 177 -16.28 6.05 13.73
C LYS B 177 -14.87 5.72 14.22
N PHE B 178 -13.88 5.78 13.32
CA PHE B 178 -12.50 5.49 13.69
C PHE B 178 -11.95 6.58 14.59
N LYS B 179 -12.27 7.83 14.25
CA LYS B 179 -11.82 8.98 15.02
C LYS B 179 -12.27 8.84 16.47
N GLN B 180 -13.52 8.40 16.65
CA GLN B 180 -14.06 8.22 17.99
C GLN B 180 -13.24 7.21 18.77
N LEU B 181 -12.95 6.06 18.16
CA LEU B 181 -12.16 5.04 18.83
C LEU B 181 -10.75 5.53 19.14
N TYR B 182 -10.11 6.18 18.17
CA TYR B 182 -8.75 6.69 18.36
C TYR B 182 -8.68 7.66 19.52
N GLU B 183 -9.58 8.63 19.56
CA GLU B 183 -9.57 9.62 20.64
C GLU B 183 -9.82 8.91 21.96
N SER B 184 -10.67 7.89 21.93
CA SER B 184 -10.97 7.11 23.13
C SER B 184 -9.68 6.52 23.69
N ARG B 185 -8.92 5.83 22.83
CA ARG B 185 -7.65 5.24 23.26
C ARG B 185 -6.66 6.31 23.70
N MET B 186 -6.74 7.47 23.06
CA MET B 186 -5.86 8.59 23.40
C MET B 186 -6.11 9.04 24.84
N ASN B 187 -7.38 9.19 25.17
CA ASN B 187 -7.77 9.63 26.51
C ASN B 187 -7.50 8.58 27.58
N SER B 188 -7.24 7.34 27.15
CA SER B 188 -6.96 6.26 28.08
C SER B 188 -5.47 6.24 28.38
N LEU B 189 -4.71 7.00 27.60
CA LEU B 189 -3.26 7.06 27.77
C LEU B 189 -2.89 7.59 29.16
N GLU B 190 -1.97 6.89 29.82
CA GLU B 190 -1.50 7.25 31.16
C GLU B 190 -0.21 8.07 31.10
N MET B 191 -0.19 9.21 31.79
CA MET B 191 1.00 10.06 31.82
C MET B 191 0.96 11.10 32.93
N THR B 192 2.14 11.53 33.37
CA THR B 192 2.26 12.52 34.42
C THR B 192 1.87 13.89 33.86
N PRO B 193 1.49 14.82 34.75
CA PRO B 193 1.11 16.15 34.28
C PRO B 193 2.24 16.81 33.48
N ALA B 194 3.47 16.43 33.79
CA ALA B 194 4.64 16.97 33.11
C ALA B 194 4.66 16.52 31.66
N VAL B 195 4.57 15.21 31.45
CA VAL B 195 4.56 14.62 30.12
C VAL B 195 3.38 15.14 29.31
N ARG B 196 2.19 15.18 29.92
CA ARG B 196 1.02 15.66 29.22
C ARG B 196 1.22 17.08 28.71
N GLN B 197 1.89 17.91 29.50
CA GLN B 197 2.13 19.27 29.06
C GLN B 197 3.01 19.25 27.83
N ARG B 198 4.02 18.38 27.84
CA ARG B 198 4.92 18.28 26.71
C ARG B 198 4.25 17.69 25.47
N VAL B 199 3.30 16.77 25.68
CA VAL B 199 2.58 16.18 24.56
C VAL B 199 1.79 17.28 23.88
N ILE B 200 1.18 18.14 24.69
CA ILE B 200 0.40 19.25 24.18
C ILE B 200 1.30 20.20 23.40
N GLU B 201 2.47 20.50 23.97
CA GLU B 201 3.40 21.40 23.30
C GLU B 201 3.88 20.80 21.99
N GLU B 202 4.17 19.50 22.00
CA GLU B 202 4.65 18.81 20.81
C GLU B 202 3.62 18.87 19.68
N ALA B 203 2.34 18.95 20.03
CA ALA B 203 1.30 19.04 19.02
C ALA B 203 1.47 20.36 18.28
N LYS B 204 1.86 21.41 19.02
CA LYS B 204 2.07 22.73 18.43
C LYS B 204 3.29 22.70 17.51
N THR B 205 4.34 22.06 18.00
CA THR B 205 5.59 21.91 17.26
C THR B 205 5.30 21.28 15.92
N ALA B 206 4.50 20.22 15.94
CA ALA B 206 4.13 19.50 14.73
C ALA B 206 3.50 20.44 13.71
N PHE B 207 2.56 21.26 14.16
CA PHE B 207 1.90 22.21 13.26
C PHE B 207 2.90 23.20 12.70
N LEU B 208 3.79 23.69 13.55
CA LEU B 208 4.79 24.65 13.11
C LEU B 208 5.74 24.01 12.09
N LEU B 209 6.06 22.75 12.29
CA LEU B 209 6.95 22.06 11.36
C LEU B 209 6.26 21.99 9.99
N ASN B 210 4.94 21.89 10.01
CA ASN B 210 4.16 21.84 8.78
C ASN B 210 4.09 23.23 8.14
N ILE B 211 3.86 24.25 8.97
CA ILE B 211 3.83 25.63 8.50
C ILE B 211 5.18 25.91 7.83
N GLN B 212 6.26 25.60 8.55
CA GLN B 212 7.62 25.80 8.04
C GLN B 212 7.79 25.14 6.67
N LEU B 213 7.30 23.91 6.53
CA LEU B 213 7.39 23.18 5.27
C LEU B 213 6.62 23.91 4.16
N PHE B 214 5.43 24.42 4.47
CA PHE B 214 4.63 25.14 3.49
C PHE B 214 5.36 26.37 2.97
N GLU B 215 5.92 27.16 3.89
CA GLU B 215 6.65 28.36 3.53
C GLU B 215 7.81 28.02 2.59
N GLU B 216 8.54 26.95 2.89
CA GLU B 216 9.66 26.55 2.04
C GLU B 216 9.20 26.12 0.66
N LEU B 217 8.15 25.30 0.60
CA LEU B 217 7.65 24.82 -0.69
C LEU B 217 7.23 25.98 -1.57
N GLN B 218 6.57 26.96 -0.98
CA GLN B 218 6.11 28.13 -1.69
C GLN B 218 7.31 28.88 -2.27
N GLU B 219 8.37 29.00 -1.48
CA GLU B 219 9.57 29.69 -1.93
C GLU B 219 10.29 28.98 -3.07
N LEU B 220 10.25 27.65 -3.07
CA LEU B 220 10.90 26.87 -4.13
C LEU B 220 10.12 27.03 -5.43
N LEU B 221 8.81 27.20 -5.31
CA LEU B 221 7.94 27.35 -6.47
C LEU B 221 7.87 28.77 -7.03
N THR B 222 8.29 29.75 -6.23
CA THR B 222 8.25 31.14 -6.69
C THR B 222 9.61 31.76 -6.98
N HIS B 223 10.61 31.49 -6.14
CA HIS B 223 11.94 32.05 -6.32
C HIS B 223 11.96 33.57 -6.31
CHA HEM C . 4.98 -14.34 -17.63
CHB HEM C . 1.23 -12.84 -20.31
CHC HEM C . -1.84 -15.11 -17.34
CHD HEM C . 1.95 -16.63 -14.62
C1A HEM C . 4.17 -13.56 -18.48
C2A HEM C . 4.69 -12.60 -19.45
C3A HEM C . 3.62 -12.08 -20.11
C4A HEM C . 2.45 -12.80 -19.62
CMA HEM C . 3.61 -10.95 -21.13
CAA HEM C . 6.16 -12.25 -19.69
CBA HEM C . 6.95 -13.04 -20.74
CGA HEM C . 7.05 -14.52 -20.41
O1A HEM C . 6.04 -15.23 -20.51
O2A HEM C . 8.16 -14.97 -20.05
C1B HEM C . 0.13 -13.59 -19.91
C2B HEM C . -1.19 -13.50 -20.56
C3B HEM C . -2.08 -13.97 -19.64
C4B HEM C . -1.30 -14.50 -18.49
CMB HEM C . -1.51 -13.15 -22.01
CAB HEM C . -3.46 -13.85 -19.76
CBB HEM C . -4.12 -12.54 -19.65
C1C HEM C . -1.09 -15.64 -16.28
C2C HEM C . -1.65 -16.37 -15.15
C3C HEM C . -0.61 -16.80 -14.38
C4C HEM C . 0.62 -16.33 -15.06
CMC HEM C . -3.12 -16.67 -14.87
CAC HEM C . -0.72 -17.63 -13.27
CBC HEM C . -0.81 -17.16 -11.90
C1D HEM C . 3.13 -16.29 -15.30
C2D HEM C . 4.50 -16.59 -14.85
C3D HEM C . 5.34 -15.94 -15.71
C4D HEM C . 4.50 -15.28 -16.70
CMD HEM C . 4.92 -17.40 -13.65
CAD HEM C . 6.87 -15.88 -15.61
CBD HEM C . 7.53 -17.06 -16.33
CGD HEM C . 9.04 -16.94 -16.42
O1D HEM C . 9.52 -16.00 -17.09
O2D HEM C . 9.75 -17.78 -15.82
NA HEM C . 2.79 -13.67 -18.58
NB HEM C . 0.06 -14.29 -18.70
NC HEM C . 0.32 -15.64 -16.23
ND HEM C . 3.15 -15.52 -16.46
FE HEM C . 1.58 -14.89 -17.56
N NO D . 1.13 -13.28 -16.20
O NO D . 0.43 -12.61 -15.56
CHA HEM E . -9.18 18.96 11.54
CHB HEM E . -9.66 21.32 7.35
CHC HEM E . -4.82 21.67 6.99
CHD HEM E . -4.32 19.10 11.10
C1A HEM E . -9.70 19.76 10.53
C2A HEM E . -11.12 20.07 10.37
C3A HEM E . -11.25 20.75 9.20
C4A HEM E . -9.92 20.84 8.63
CMA HEM E . -12.52 21.39 8.64
CAA HEM E . -12.26 19.76 11.34
CBA HEM E . -12.72 20.99 12.11
CGA HEM E . -13.84 20.67 13.08
O1A HEM E . -14.33 21.61 13.75
O2A HEM E . -14.24 19.50 13.17
C1B HEM E . -8.38 21.47 6.84
C2B HEM E . -8.10 22.06 5.55
C3B HEM E . -6.76 22.32 5.49
C4B HEM E . -6.19 21.76 6.72
CMB HEM E . -9.14 22.30 4.45
CAB HEM E . -6.09 23.04 4.52
CBB HEM E . -6.17 22.76 3.09
C1C HEM E . -4.26 21.06 8.11
C2C HEM E . -2.83 20.89 8.32
C3C HEM E . -2.68 20.20 9.48
C4C HEM E . -4.03 19.90 9.97
CMC HEM E . -1.70 21.35 7.40
CAC HEM E . -1.46 19.90 10.08
CBC HEM E . -0.49 18.98 9.53
C1D HEM E . -5.62 18.81 11.58
C2D HEM E . -5.92 17.97 12.74
C3D HEM E . -7.27 17.85 12.78
C4D HEM E . -7.82 18.70 11.73
CMD HEM E . -4.95 17.32 13.70
CAD HEM E . -8.08 16.84 13.60
CBD HEM E . -8.89 17.47 14.71
CGD HEM E . -10.02 16.57 15.19
O1D HEM E . -9.73 15.44 15.61
O2D HEM E . -11.19 17.01 15.14
NA HEM E . -8.96 20.30 9.49
NB HEM E . -7.20 21.25 7.55
NC HEM E . -5.00 20.46 9.14
ND HEM E . -6.79 19.26 10.96
FE HEM E . -6.99 20.41 9.35
#